data_9GWB
#
_entry.id   9GWB
#
_cell.length_a   93.922
_cell.length_b   61.224
_cell.length_c   119.565
_cell.angle_alpha   90.000
_cell.angle_beta   101.740
_cell.angle_gamma   90.000
#
_symmetry.space_group_name_H-M   'C 1 2 1'
#
loop_
_entity.id
_entity.type
_entity.pdbx_description
1 polymer 'Peroxisome proliferator-activated receptor gamma'
2 non-polymer '4-[5-chloranyl-1-[2-chloranyl-6-(trifluoromethyl)phenyl]carbonyl-indazol-3-yl]-3-(oxan-4-ylmethoxy)benzoic acid'
3 water water
#
_entity_poly.entity_id   1
_entity_poly.type   'polypeptide(L)'
_entity_poly.pdbx_seq_one_letter_code
;GSHMESADLRALAKHLYDSYIKSFPLTKAKARAILTGKTTDKSPFVIYDMNSLMMGEDKIKFKHITPLQEQSKEVAIRIF
QGCQFRSVEAVQEITEYAKSIPGFVNLDLNDQVTLLKYGVHEIIYTMLASLMNKDGVLISEGQGFMTREFLKSLRKPFGD
FMEPKFEFAVKFNALELDDSDLAIFIAVIILSGDRPGLLNVKPIEDIQDNLLQALELQLKLNHPESSQLFAKLLQKMTDL
RQIVTEHVQLLQVIKKTETDMSLHPLLQEIYKDLY
;
_entity_poly.pdbx_strand_id   A,B
#
loop_
_chem_comp.id
_chem_comp.type
_chem_comp.name
_chem_comp.formula
A1IPZ non-polymer '4-[5-chloranyl-1-[2-chloranyl-6-(trifluoromethyl)phenyl]carbonyl-indazol-3-yl]-3-(oxan-4-ylmethoxy)benzoic acid' 'C28 H21 Cl2 F3 N2 O5'
#
# COMPACT_ATOMS: atom_id res chain seq x y z
N HIS A 3 0.78 20.93 -15.74
CA HIS A 3 1.05 20.11 -16.92
C HIS A 3 -0.11 20.21 -17.91
N MET A 4 -1.34 20.08 -17.41
CA MET A 4 -2.51 20.05 -18.30
C MET A 4 -3.50 21.17 -18.05
N GLU A 5 -4.55 21.17 -18.87
CA GLU A 5 -5.42 22.32 -18.94
C GLU A 5 -6.54 22.01 -17.97
N SER A 6 -7.24 23.04 -17.49
CA SER A 6 -8.48 22.74 -16.79
C SER A 6 -9.46 22.08 -17.75
N ALA A 7 -9.55 22.66 -18.94
CA ALA A 7 -10.42 22.15 -20.00
C ALA A 7 -10.03 20.74 -20.47
N ASP A 8 -8.73 20.46 -20.68
CA ASP A 8 -8.37 19.09 -21.12
C ASP A 8 -8.61 18.07 -20.01
N LEU A 9 -8.36 18.47 -18.76
CA LEU A 9 -8.62 17.56 -17.64
C LEU A 9 -10.10 17.25 -17.51
N ARG A 10 -10.95 18.27 -17.62
CA ARG A 10 -12.39 18.04 -17.61
C ARG A 10 -12.83 17.22 -18.81
N ALA A 11 -12.25 17.49 -19.98
CA ALA A 11 -12.56 16.70 -21.18
C ALA A 11 -12.18 15.24 -21.00
N LEU A 12 -11.03 14.99 -20.37
CA LEU A 12 -10.61 13.61 -20.13
C LEU A 12 -11.53 12.91 -19.12
N ALA A 13 -11.98 13.62 -18.09
CA ALA A 13 -12.91 13.03 -17.13
C ALA A 13 -14.22 12.62 -17.79
N LYS A 14 -14.75 13.47 -18.68
CA LYS A 14 -15.99 13.14 -19.36
C LYS A 14 -15.83 11.95 -20.27
N HIS A 15 -14.70 11.89 -21.00
CA HIS A 15 -14.38 10.75 -21.86
C HIS A 15 -14.35 9.44 -21.08
N LEU A 16 -13.66 9.42 -19.94
CA LEU A 16 -13.57 8.19 -19.16
C LEU A 16 -14.92 7.81 -18.56
N TYR A 17 -15.68 8.79 -18.08
CA TYR A 17 -17.00 8.50 -17.54
C TYR A 17 -17.91 7.91 -18.62
N ASP A 18 -17.95 8.57 -19.79
CA ASP A 18 -18.76 8.07 -20.91
C ASP A 18 -18.38 6.62 -21.26
N SER A 19 -17.10 6.30 -21.28
CA SER A 19 -16.66 4.96 -21.67
C SER A 19 -16.94 3.94 -20.57
N TYR A 20 -16.82 4.36 -19.31
CA TYR A 20 -17.17 3.52 -18.17
C TYR A 20 -18.64 3.12 -18.21
N ILE A 21 -19.54 4.06 -18.55
CA ILE A 21 -20.95 3.73 -18.70
C ILE A 21 -21.17 2.75 -19.84
N LYS A 22 -20.37 2.88 -20.91
CA LYS A 22 -20.54 1.97 -22.03
C LYS A 22 -19.99 0.59 -21.73
N SER A 23 -18.96 0.50 -20.87
CA SER A 23 -18.28 -0.75 -20.61
C SER A 23 -18.91 -1.58 -19.50
N PHE A 24 -19.53 -0.96 -18.50
CA PHE A 24 -19.94 -1.77 -17.36
C PHE A 24 -21.46 -1.78 -17.27
N PRO A 25 -22.11 -2.94 -17.17
CA PRO A 25 -23.58 -2.96 -17.32
C PRO A 25 -24.30 -2.36 -16.11
N LEU A 26 -23.77 -2.56 -14.92
CA LEU A 26 -24.47 -2.19 -13.70
C LEU A 26 -23.62 -1.14 -12.99
N THR A 27 -24.05 0.12 -13.07
CA THR A 27 -23.30 1.21 -12.44
C THR A 27 -23.60 1.29 -10.93
N LYS A 28 -22.76 2.04 -10.23
CA LYS A 28 -23.03 2.32 -8.82
C LYS A 28 -24.35 3.08 -8.66
N ALA A 29 -24.64 4.03 -9.57
CA ALA A 29 -25.90 4.79 -9.48
C ALA A 29 -27.11 3.85 -9.54
N LYS A 30 -27.08 2.88 -10.46
CA LYS A 30 -28.16 1.91 -10.53
C LYS A 30 -28.16 1.00 -9.29
N ALA A 31 -26.99 0.53 -8.87
CA ALA A 31 -26.94 -0.32 -7.70
C ALA A 31 -27.49 0.39 -6.46
N ARG A 32 -27.15 1.67 -6.26
CA ARG A 32 -27.66 2.39 -5.08
C ARG A 32 -29.19 2.57 -5.16
N ALA A 33 -29.73 2.83 -6.35
CA ALA A 33 -31.17 2.96 -6.46
C ALA A 33 -31.85 1.66 -6.09
N ILE A 34 -31.29 0.53 -6.51
CA ILE A 34 -31.84 -0.76 -6.15
C ILE A 34 -31.67 -1.00 -4.65
N LEU A 35 -30.50 -0.70 -4.10
CA LEU A 35 -30.26 -1.04 -2.69
C LEU A 35 -31.10 -0.21 -1.72
N THR A 36 -31.36 1.05 -2.05
CA THR A 36 -32.13 1.89 -1.14
C THR A 36 -33.62 1.73 -1.34
N GLY A 37 -34.04 1.20 -2.47
CA GLY A 37 -35.43 0.80 -2.64
C GLY A 37 -36.34 1.99 -2.83
N LYS A 38 -37.44 1.98 -2.08
CA LYS A 38 -38.51 2.97 -2.17
C LYS A 38 -39.11 3.00 -3.58
N THR A 39 -38.66 2.09 -4.45
CA THR A 39 -39.25 1.86 -5.75
C THR A 39 -39.92 0.48 -5.74
N THR A 40 -40.99 0.32 -6.54
CA THR A 40 -41.55 -1.00 -6.72
C THR A 40 -40.91 -1.79 -7.87
N ASP A 41 -40.47 -1.11 -8.93
CA ASP A 41 -40.13 -1.81 -10.16
C ASP A 41 -38.74 -2.47 -10.15
N LYS A 42 -37.84 -2.07 -9.24
CA LYS A 42 -36.47 -2.55 -9.24
C LYS A 42 -36.13 -3.39 -8.01
N SER A 43 -37.11 -4.08 -7.43
CA SER A 43 -36.89 -4.72 -6.15
C SER A 43 -36.25 -6.10 -6.30
N PRO A 44 -35.12 -6.37 -5.64
CA PRO A 44 -34.47 -7.67 -5.82
C PRO A 44 -35.12 -8.76 -4.99
N PHE A 45 -35.01 -9.99 -5.50
CA PHE A 45 -35.28 -11.18 -4.69
C PHE A 45 -34.09 -11.41 -3.75
N VAL A 46 -34.36 -11.63 -2.48
CA VAL A 46 -33.31 -11.70 -1.47
C VAL A 46 -33.06 -13.16 -1.10
N ILE A 47 -31.81 -13.58 -1.22
CA ILE A 47 -31.36 -14.94 -0.91
C ILE A 47 -30.61 -14.87 0.42
N TYR A 48 -31.17 -15.52 1.44
CA TYR A 48 -30.62 -15.47 2.79
C TYR A 48 -30.44 -16.85 3.43
N ASP A 49 -30.85 -17.93 2.76
CA ASP A 49 -30.71 -19.28 3.30
C ASP A 49 -30.82 -20.26 2.15
N MET A 50 -30.80 -21.56 2.49
CA MET A 50 -30.78 -22.59 1.46
C MET A 50 -32.06 -22.59 0.64
N ASN A 51 -33.20 -22.40 1.31
CA ASN A 51 -34.47 -22.55 0.63
C ASN A 51 -34.72 -21.37 -0.32
N SER A 52 -34.39 -20.15 0.11
CA SER A 52 -34.64 -19.01 -0.75
C SER A 52 -33.70 -19.01 -1.95
N LEU A 53 -32.50 -19.59 -1.81
CA LEU A 53 -31.67 -19.81 -2.98
C LEU A 53 -32.37 -20.72 -3.98
N MET A 54 -32.96 -21.83 -3.49
CA MET A 54 -33.71 -22.72 -4.37
C MET A 54 -34.84 -21.97 -5.05
N MET A 55 -35.63 -21.21 -4.28
CA MET A 55 -36.69 -20.41 -4.89
C MET A 55 -36.10 -19.40 -5.87
N GLY A 56 -34.86 -18.96 -5.61
CA GLY A 56 -34.19 -17.98 -6.45
C GLY A 56 -33.78 -18.48 -7.83
N GLU A 57 -33.53 -19.78 -7.98
CA GLU A 57 -33.26 -20.34 -9.31
C GLU A 57 -34.50 -20.33 -10.23
N ASP A 58 -35.71 -20.45 -9.67
CA ASP A 58 -36.86 -20.41 -10.57
C ASP A 58 -37.38 -18.99 -10.84
N LYS A 59 -37.02 -18.01 -10.02
CA LYS A 59 -37.48 -16.64 -10.19
C LYS A 59 -36.53 -15.78 -11.03
N ILE A 60 -35.22 -15.86 -10.80
CA ILE A 60 -34.28 -15.04 -11.58
C ILE A 60 -33.90 -15.79 -12.86
N LYS A 73 -21.78 -28.93 -7.51
CA LYS A 73 -23.22 -29.01 -7.23
C LYS A 73 -23.59 -28.68 -5.76
N GLU A 74 -22.60 -28.69 -4.87
CA GLU A 74 -22.80 -28.34 -3.46
C GLU A 74 -22.83 -26.82 -3.31
N VAL A 75 -23.65 -26.33 -2.37
CA VAL A 75 -24.06 -24.93 -2.38
C VAL A 75 -22.86 -23.97 -2.32
N ALA A 76 -21.89 -24.23 -1.44
CA ALA A 76 -20.77 -23.29 -1.29
C ALA A 76 -19.93 -23.26 -2.56
N ILE A 77 -19.76 -24.42 -3.20
CA ILE A 77 -19.10 -24.51 -4.49
C ILE A 77 -19.90 -23.73 -5.53
N ARG A 78 -21.22 -23.94 -5.54
CA ARG A 78 -22.08 -23.29 -6.52
C ARG A 78 -22.02 -21.78 -6.41
N ILE A 79 -22.00 -21.26 -5.18
CA ILE A 79 -21.90 -19.82 -4.99
C ILE A 79 -20.51 -19.33 -5.36
N PHE A 80 -19.48 -20.08 -4.98
CA PHE A 80 -18.12 -19.72 -5.39
C PHE A 80 -18.02 -19.62 -6.90
N GLN A 81 -18.63 -20.57 -7.62
CA GLN A 81 -18.57 -20.52 -9.07
C GLN A 81 -19.36 -19.34 -9.63
N GLY A 82 -20.40 -18.91 -8.91
CA GLY A 82 -21.05 -17.67 -9.28
C GLY A 82 -20.10 -16.49 -9.25
N CYS A 83 -19.29 -16.37 -8.18
CA CYS A 83 -18.27 -15.31 -8.07
C CYS A 83 -17.25 -15.39 -9.21
N GLN A 84 -16.75 -16.59 -9.47
CA GLN A 84 -15.75 -16.82 -10.50
C GLN A 84 -16.29 -16.46 -11.89
N PHE A 85 -17.52 -16.87 -12.17
CA PHE A 85 -18.15 -16.55 -13.46
C PHE A 85 -18.27 -15.03 -13.65
N ARG A 86 -18.77 -14.32 -12.63
CA ARG A 86 -18.90 -12.87 -12.76
C ARG A 86 -17.55 -12.18 -12.80
N SER A 87 -16.56 -12.68 -12.07
CA SER A 87 -15.21 -12.11 -12.14
C SER A 87 -14.61 -12.25 -13.53
N VAL A 88 -14.85 -13.37 -14.21
CA VAL A 88 -14.37 -13.51 -15.59
C VAL A 88 -15.05 -12.50 -16.49
N GLU A 89 -16.36 -12.36 -16.35
CA GLU A 89 -17.06 -11.32 -17.10
C GLU A 89 -16.52 -9.95 -16.76
N ALA A 90 -16.20 -9.72 -15.48
CA ALA A 90 -15.66 -8.42 -15.11
C ALA A 90 -14.31 -8.19 -15.78
N VAL A 91 -13.46 -9.21 -15.83
CA VAL A 91 -12.18 -9.10 -16.54
C VAL A 91 -12.41 -8.63 -17.98
N GLN A 92 -13.42 -9.21 -18.64
CA GLN A 92 -13.71 -8.83 -20.02
C GLN A 92 -14.15 -7.37 -20.10
N GLU A 93 -15.01 -6.95 -19.16
CA GLU A 93 -15.49 -5.57 -19.15
C GLU A 93 -14.35 -4.60 -18.85
N ILE A 94 -13.49 -4.96 -17.90
CA ILE A 94 -12.37 -4.10 -17.55
C ILE A 94 -11.43 -3.97 -18.73
N THR A 95 -11.17 -5.09 -19.42
CA THR A 95 -10.30 -5.05 -20.58
C THR A 95 -10.84 -4.10 -21.65
N GLU A 96 -12.15 -4.16 -21.90
CA GLU A 96 -12.74 -3.25 -22.89
C GLU A 96 -12.60 -1.79 -22.46
N TYR A 97 -12.87 -1.52 -21.18
CA TYR A 97 -12.70 -0.16 -20.68
C TYR A 97 -11.25 0.31 -20.83
N ALA A 98 -10.28 -0.53 -20.45
CA ALA A 98 -8.88 -0.12 -20.54
C ALA A 98 -8.51 0.31 -21.94
N LYS A 99 -9.00 -0.41 -22.97
CA LYS A 99 -8.69 -0.02 -24.35
C LYS A 99 -9.07 1.41 -24.64
N SER A 100 -10.09 1.95 -23.95
CA SER A 100 -10.58 3.29 -24.18
C SER A 100 -9.76 4.34 -23.45
N ILE A 101 -8.85 3.95 -22.58
CA ILE A 101 -8.01 4.92 -21.86
C ILE A 101 -6.96 5.46 -22.83
N PRO A 102 -6.92 6.77 -23.08
CA PRO A 102 -6.01 7.32 -24.10
C PRO A 102 -4.56 6.98 -23.81
N GLY A 103 -3.90 6.41 -24.81
CA GLY A 103 -2.52 5.97 -24.73
C GLY A 103 -2.36 4.49 -24.43
N PHE A 104 -3.39 3.84 -23.89
CA PHE A 104 -3.22 2.45 -23.42
C PHE A 104 -2.92 1.50 -24.58
N VAL A 105 -3.72 1.53 -25.64
CA VAL A 105 -3.48 0.59 -26.74
C VAL A 105 -2.22 0.92 -27.52
N ASN A 106 -1.66 2.12 -27.34
CA ASN A 106 -0.43 2.46 -28.03
C ASN A 106 0.80 1.92 -27.32
N LEU A 107 0.66 1.46 -26.09
CA LEU A 107 1.77 0.89 -25.34
C LEU A 107 2.24 -0.41 -25.96
N ASP A 108 3.49 -0.77 -25.66
CA ASP A 108 4.00 -2.11 -25.91
C ASP A 108 2.97 -3.17 -25.48
N LEU A 109 2.77 -4.16 -26.35
CA LEU A 109 1.70 -5.12 -26.12
C LEU A 109 1.96 -5.99 -24.91
N ASN A 110 3.23 -6.32 -24.62
CA ASN A 110 3.53 -7.09 -23.41
C ASN A 110 3.16 -6.30 -22.16
N ASP A 111 3.38 -4.98 -22.17
CA ASP A 111 3.02 -4.16 -21.03
C ASP A 111 1.52 -4.03 -20.88
N GLN A 112 0.78 -4.02 -22.00
CA GLN A 112 -0.67 -4.01 -21.93
C GLN A 112 -1.16 -5.24 -21.17
N VAL A 113 -0.60 -6.42 -21.50
CA VAL A 113 -0.98 -7.65 -20.78
C VAL A 113 -0.61 -7.52 -19.32
N THR A 114 0.63 -7.09 -19.05
CA THR A 114 1.12 -6.92 -17.67
C THR A 114 0.21 -5.98 -16.87
N LEU A 115 -0.17 -4.84 -17.46
CA LEU A 115 -1.01 -3.90 -16.72
C LEU A 115 -2.37 -4.50 -16.38
N LEU A 116 -2.99 -5.19 -17.34
CA LEU A 116 -4.29 -5.82 -17.05
C LEU A 116 -4.14 -6.95 -16.06
N LYS A 117 -3.10 -7.78 -16.25
CA LYS A 117 -2.85 -8.93 -15.40
C LYS A 117 -2.83 -8.56 -13.92
N TYR A 118 -2.09 -7.52 -13.55
CA TYR A 118 -1.97 -7.11 -12.16
C TYR A 118 -3.02 -6.11 -11.72
N GLY A 119 -3.85 -5.61 -12.63
CA GLY A 119 -4.80 -4.58 -12.27
C GLY A 119 -6.23 -5.06 -12.11
N VAL A 120 -6.60 -6.13 -12.82
CA VAL A 120 -8.02 -6.53 -12.83
C VAL A 120 -8.51 -6.85 -11.43
N HIS A 121 -7.68 -7.54 -10.63
CA HIS A 121 -8.14 -7.97 -9.31
C HIS A 121 -8.44 -6.77 -8.41
N GLU A 122 -7.56 -5.78 -8.41
CA GLU A 122 -7.78 -4.57 -7.61
C GLU A 122 -9.04 -3.84 -8.07
N ILE A 123 -9.29 -3.84 -9.37
CA ILE A 123 -10.47 -3.16 -9.91
C ILE A 123 -11.74 -3.96 -9.60
N ILE A 124 -11.67 -5.28 -9.62
CA ILE A 124 -12.85 -6.07 -9.29
C ILE A 124 -13.30 -5.79 -7.86
N TYR A 125 -12.35 -5.77 -6.92
CA TYR A 125 -12.68 -5.44 -5.53
C TYR A 125 -13.32 -4.07 -5.43
N THR A 126 -12.74 -3.09 -6.13
CA THR A 126 -13.25 -1.72 -6.11
C THR A 126 -14.69 -1.66 -6.57
N MET A 127 -14.96 -2.27 -7.71
CA MET A 127 -16.25 -2.16 -8.35
C MET A 127 -17.25 -3.10 -7.70
N LEU A 128 -16.78 -4.19 -7.08
CA LEU A 128 -17.65 -5.02 -6.26
C LEU A 128 -18.27 -4.22 -5.13
N ALA A 129 -17.49 -3.30 -4.53
CA ALA A 129 -17.99 -2.46 -3.44
C ALA A 129 -19.21 -1.64 -3.86
N SER A 130 -19.27 -1.22 -5.13
CA SER A 130 -20.43 -0.49 -5.65
C SER A 130 -21.70 -1.30 -5.53
N LEU A 131 -21.60 -2.62 -5.49
CA LEU A 131 -22.76 -3.51 -5.43
C LEU A 131 -23.11 -3.91 -4.01
N MET A 132 -22.37 -3.42 -3.01
CA MET A 132 -22.53 -3.90 -1.65
C MET A 132 -23.04 -2.81 -0.71
N ASN A 133 -23.78 -3.23 0.31
CA ASN A 133 -23.88 -2.44 1.54
C ASN A 133 -23.50 -3.36 2.69
N LYS A 134 -23.72 -2.94 3.93
CA LYS A 134 -23.27 -3.79 5.03
C LYS A 134 -24.07 -5.09 5.15
N ASP A 135 -25.21 -5.21 4.46
CA ASP A 135 -26.10 -6.36 4.61
C ASP A 135 -25.99 -7.41 3.49
N GLY A 136 -25.44 -7.08 2.31
CA GLY A 136 -25.25 -8.09 1.27
C GLY A 136 -24.80 -7.47 -0.05
N VAL A 137 -24.93 -8.27 -1.13
CA VAL A 137 -24.37 -7.92 -2.44
C VAL A 137 -25.44 -8.15 -3.53
N LEU A 138 -25.53 -7.21 -4.46
CA LEU A 138 -26.43 -7.38 -5.60
C LEU A 138 -25.87 -8.43 -6.55
N ILE A 139 -26.74 -9.26 -7.10
CA ILE A 139 -26.32 -10.29 -8.02
C ILE A 139 -27.24 -10.28 -9.24
N SER A 140 -26.77 -10.98 -10.28
CA SER A 140 -27.54 -11.19 -11.50
C SER A 140 -28.10 -9.87 -12.04
N GLU A 141 -27.18 -8.92 -12.25
CA GLU A 141 -27.52 -7.60 -12.81
C GLU A 141 -28.51 -6.83 -11.94
N GLY A 142 -28.45 -7.01 -10.63
CA GLY A 142 -29.31 -6.32 -9.69
C GLY A 142 -30.66 -6.97 -9.45
N GLN A 143 -30.96 -8.10 -10.10
CA GLN A 143 -32.24 -8.77 -9.87
C GLN A 143 -32.27 -9.51 -8.55
N GLY A 144 -31.11 -9.80 -7.97
CA GLY A 144 -31.04 -10.55 -6.74
C GLY A 144 -30.16 -9.84 -5.77
N PHE A 145 -30.30 -10.22 -4.50
CA PHE A 145 -29.49 -9.70 -3.40
C PHE A 145 -29.18 -10.88 -2.49
N MET A 146 -27.90 -11.18 -2.33
CA MET A 146 -27.50 -12.27 -1.45
C MET A 146 -26.93 -11.68 -0.16
N THR A 147 -27.44 -12.13 0.97
CA THR A 147 -27.10 -11.50 2.24
C THR A 147 -25.68 -11.86 2.67
N ARG A 148 -25.03 -10.90 3.36
CA ARG A 148 -23.70 -11.12 3.92
C ARG A 148 -23.68 -12.26 4.93
N GLU A 149 -24.70 -12.35 5.78
CA GLU A 149 -24.71 -13.40 6.80
C GLU A 149 -24.77 -14.78 6.16
N PHE A 150 -25.52 -14.91 5.07
CA PHE A 150 -25.58 -16.18 4.34
C PHE A 150 -24.23 -16.53 3.71
N LEU A 151 -23.58 -15.57 3.07
CA LEU A 151 -22.27 -15.85 2.48
C LEU A 151 -21.25 -16.23 3.55
N LYS A 152 -21.24 -15.48 4.65
CA LYS A 152 -20.26 -15.71 5.72
C LYS A 152 -20.47 -17.07 6.40
N SER A 153 -21.69 -17.60 6.36
CA SER A 153 -21.96 -18.87 7.04
C SER A 153 -21.73 -20.08 6.15
N LEU A 154 -21.24 -19.90 4.92
CA LEU A 154 -20.89 -21.06 4.08
C LEU A 154 -19.75 -21.83 4.72
N ARG A 155 -19.72 -23.14 4.43
CA ARG A 155 -18.89 -24.07 5.19
C ARG A 155 -17.40 -23.90 4.86
N LYS A 156 -16.57 -24.60 5.67
CA LYS A 156 -15.15 -24.90 5.51
C LYS A 156 -14.40 -23.61 5.12
N PRO A 157 -13.64 -23.48 4.04
CA PRO A 157 -12.95 -22.20 3.84
C PRO A 157 -13.79 -21.13 3.15
N PHE A 158 -14.95 -21.46 2.59
CA PHE A 158 -15.65 -20.54 1.69
C PHE A 158 -16.28 -19.36 2.43
N GLY A 159 -16.82 -19.59 3.63
CA GLY A 159 -17.40 -18.48 4.38
C GLY A 159 -16.42 -17.35 4.62
N ASP A 160 -15.24 -17.68 5.13
CA ASP A 160 -14.21 -16.67 5.40
C ASP A 160 -13.53 -16.19 4.12
N PHE A 161 -13.83 -16.80 2.99
CA PHE A 161 -13.39 -16.27 1.71
C PHE A 161 -14.29 -15.13 1.23
N MET A 162 -15.57 -15.16 1.62
CA MET A 162 -16.52 -14.14 1.18
C MET A 162 -16.41 -12.88 2.03
N GLU A 163 -16.34 -13.04 3.35
CA GLU A 163 -16.46 -11.90 4.26
C GLU A 163 -15.42 -10.78 4.03
N PRO A 164 -14.12 -11.03 3.80
CA PRO A 164 -13.19 -9.91 3.53
C PRO A 164 -13.58 -8.95 2.41
N LYS A 165 -14.32 -9.40 1.40
CA LYS A 165 -14.77 -8.50 0.36
C LYS A 165 -15.74 -7.46 0.95
N PHE A 166 -16.62 -7.90 1.86
CA PHE A 166 -17.54 -6.98 2.54
C PHE A 166 -16.81 -6.00 3.45
N GLU A 167 -15.78 -6.46 4.17
CA GLU A 167 -15.07 -5.57 5.09
C GLU A 167 -14.39 -4.45 4.33
N PHE A 168 -13.81 -4.75 3.17
CA PHE A 168 -13.25 -3.66 2.38
C PHE A 168 -14.36 -2.74 1.87
N ALA A 169 -15.44 -3.33 1.33
CA ALA A 169 -16.46 -2.51 0.69
C ALA A 169 -17.07 -1.48 1.66
N VAL A 170 -17.35 -1.89 2.91
CA VAL A 170 -17.93 -0.95 3.87
C VAL A 170 -16.99 0.24 4.10
N LYS A 171 -15.69 -0.03 4.22
CA LYS A 171 -14.72 1.05 4.36
C LYS A 171 -14.66 1.92 3.10
N PHE A 172 -14.58 1.29 1.93
CA PHE A 172 -14.46 2.05 0.68
C PHE A 172 -15.73 2.87 0.40
N ASN A 173 -16.89 2.32 0.70
CA ASN A 173 -18.14 3.02 0.40
C ASN A 173 -18.34 4.24 1.29
N ALA A 174 -17.66 4.31 2.43
CA ALA A 174 -17.72 5.49 3.28
C ALA A 174 -17.17 6.73 2.58
N LEU A 175 -16.34 6.57 1.55
CA LEU A 175 -15.85 7.71 0.76
C LEU A 175 -16.93 8.34 -0.11
N GLU A 176 -18.03 7.62 -0.36
CA GLU A 176 -19.15 8.16 -1.17
C GLU A 176 -18.73 8.56 -2.58
N LEU A 177 -17.86 7.79 -3.23
CA LEU A 177 -17.53 8.06 -4.63
C LEU A 177 -18.73 7.80 -5.53
N ASP A 178 -18.86 8.56 -6.60
CA ASP A 178 -19.85 8.18 -7.59
C ASP A 178 -19.14 7.67 -8.84
N ASP A 179 -19.92 7.26 -9.85
CA ASP A 179 -19.35 6.60 -11.02
C ASP A 179 -18.33 7.47 -11.73
N SER A 180 -18.63 8.77 -11.88
CA SER A 180 -17.69 9.66 -12.58
C SER A 180 -16.35 9.75 -11.85
N ASP A 181 -16.35 9.62 -10.51
CA ASP A 181 -15.10 9.52 -9.76
C ASP A 181 -14.39 8.20 -10.04
N LEU A 182 -15.15 7.09 -9.98
CA LEU A 182 -14.57 5.76 -10.09
C LEU A 182 -13.96 5.51 -11.47
N ALA A 183 -14.58 6.07 -12.51
CA ALA A 183 -14.01 5.90 -13.85
C ALA A 183 -12.55 6.36 -13.89
N ILE A 184 -12.24 7.50 -13.28
CA ILE A 184 -10.85 7.95 -13.30
C ILE A 184 -10.00 7.13 -12.32
N PHE A 185 -10.54 6.82 -11.14
CA PHE A 185 -9.80 6.02 -10.16
C PHE A 185 -9.39 4.68 -10.74
N ILE A 186 -10.33 3.99 -11.41
CA ILE A 186 -10.01 2.71 -12.02
C ILE A 186 -8.92 2.86 -13.08
N ALA A 187 -9.00 3.94 -13.88
CA ALA A 187 -8.01 4.19 -14.90
C ALA A 187 -6.63 4.42 -14.30
N VAL A 188 -6.55 5.12 -13.16
CA VAL A 188 -5.26 5.34 -12.50
C VAL A 188 -4.65 4.01 -12.05
N ILE A 189 -5.47 3.11 -11.49
CA ILE A 189 -4.99 1.80 -11.06
C ILE A 189 -4.36 1.04 -12.23
N ILE A 190 -5.05 1.03 -13.38
CA ILE A 190 -4.59 0.24 -14.53
C ILE A 190 -3.21 0.71 -14.97
N LEU A 191 -3.02 2.02 -15.06
CA LEU A 191 -1.77 2.61 -15.56
C LEU A 191 -0.76 2.76 -14.44
N SER A 192 -0.49 1.67 -13.71
CA SER A 192 0.48 1.70 -12.62
C SER A 192 1.85 1.28 -13.15
N GLY A 193 2.80 2.20 -13.11
CA GLY A 193 4.14 1.93 -13.64
C GLY A 193 4.99 1.00 -12.79
N ASP A 194 4.54 0.60 -11.60
CA ASP A 194 5.34 -0.26 -10.74
C ASP A 194 4.93 -1.73 -10.80
N ARG A 195 4.13 -2.14 -11.78
CA ARG A 195 3.83 -3.56 -11.93
C ARG A 195 5.11 -4.34 -12.26
N PRO A 196 5.18 -5.61 -11.83
CA PRO A 196 6.39 -6.41 -12.11
C PRO A 196 6.51 -6.75 -13.59
N GLY A 197 7.70 -6.56 -14.14
CA GLY A 197 7.99 -6.96 -15.49
C GLY A 197 7.63 -5.98 -16.58
N LEU A 198 7.28 -4.74 -16.25
CA LEU A 198 7.02 -3.73 -17.26
C LEU A 198 8.28 -3.41 -18.04
N LEU A 199 8.15 -3.24 -19.35
CA LEU A 199 9.32 -2.98 -20.18
C LEU A 199 9.60 -1.49 -20.34
N ASN A 200 8.56 -0.66 -20.43
CA ASN A 200 8.69 0.77 -20.71
C ASN A 200 7.89 1.50 -19.65
N VAL A 201 8.50 1.77 -18.50
CA VAL A 201 7.73 2.35 -17.39
C VAL A 201 7.37 3.80 -17.70
N LYS A 202 8.26 4.52 -18.38
CA LYS A 202 8.08 5.95 -18.65
C LYS A 202 6.79 6.28 -19.38
N PRO A 203 6.45 5.66 -20.52
CA PRO A 203 5.17 5.99 -21.15
C PRO A 203 3.95 5.66 -20.28
N ILE A 204 4.03 4.66 -19.40
CA ILE A 204 2.91 4.40 -18.49
C ILE A 204 2.78 5.52 -17.48
N GLU A 205 3.90 5.95 -16.89
CA GLU A 205 3.87 6.99 -15.87
C GLU A 205 3.35 8.31 -16.45
N ASP A 206 3.72 8.62 -17.70
CA ASP A 206 3.21 9.82 -18.36
C ASP A 206 1.68 9.79 -18.45
N ILE A 207 1.10 8.66 -18.82
CA ILE A 207 -0.36 8.58 -18.86
C ILE A 207 -0.95 8.68 -17.46
N GLN A 208 -0.37 8.00 -16.48
CA GLN A 208 -0.93 8.06 -15.13
C GLN A 208 -0.91 9.48 -14.57
N ASP A 209 0.19 10.24 -14.79
CA ASP A 209 0.22 11.62 -14.30
C ASP A 209 -0.96 12.43 -14.83
N ASN A 210 -1.29 12.23 -16.09
CA ASN A 210 -2.47 12.88 -16.66
C ASN A 210 -3.74 12.43 -15.97
N LEU A 211 -3.88 11.11 -15.79
CA LEU A 211 -5.05 10.58 -15.11
C LEU A 211 -5.15 11.08 -13.68
N LEU A 212 -4.00 11.19 -12.98
CA LEU A 212 -3.98 11.69 -11.60
C LEU A 212 -4.37 13.15 -11.54
N GLN A 213 -3.85 13.99 -12.44
CA GLN A 213 -4.31 15.37 -12.52
C GLN A 213 -5.83 15.40 -12.75
N ALA A 214 -6.32 14.53 -13.62
CA ALA A 214 -7.75 14.49 -13.91
C ALA A 214 -8.55 14.08 -12.68
N LEU A 215 -8.06 13.09 -11.93
CA LEU A 215 -8.73 12.65 -10.72
C LEU A 215 -8.74 13.75 -9.65
N GLU A 216 -7.61 14.44 -9.49
CA GLU A 216 -7.52 15.51 -8.49
C GLU A 216 -8.57 16.58 -8.72
N LEU A 217 -8.65 17.09 -9.97
CA LEU A 217 -9.63 18.13 -10.26
C LEU A 217 -11.05 17.59 -10.15
N GLN A 218 -11.29 16.38 -10.64
CA GLN A 218 -12.62 15.77 -10.50
C GLN A 218 -13.05 15.74 -9.03
N LEU A 219 -12.19 15.24 -8.14
CA LEU A 219 -12.56 15.17 -6.72
C LEU A 219 -12.73 16.55 -6.10
N LYS A 220 -11.94 17.53 -6.54
CA LYS A 220 -12.11 18.88 -5.98
C LYS A 220 -13.44 19.50 -6.39
N LEU A 221 -13.89 19.25 -7.62
CA LEU A 221 -15.13 19.85 -8.11
C LEU A 221 -16.36 19.10 -7.62
N ASN A 222 -16.27 17.77 -7.56
CA ASN A 222 -17.41 16.93 -7.23
C ASN A 222 -17.57 16.74 -5.72
N HIS A 223 -16.50 16.91 -4.94
CA HIS A 223 -16.56 16.77 -3.48
C HIS A 223 -15.80 17.93 -2.86
N PRO A 224 -16.27 19.17 -3.08
CA PRO A 224 -15.49 20.33 -2.64
C PRO A 224 -15.36 20.45 -1.14
N GLU A 225 -16.21 19.78 -0.36
CA GLU A 225 -16.18 19.83 1.10
C GLU A 225 -15.46 18.64 1.71
N SER A 226 -14.88 17.78 0.88
CA SER A 226 -14.24 16.53 1.32
C SER A 226 -12.73 16.75 1.26
N SER A 227 -12.17 17.26 2.35
CA SER A 227 -10.76 17.65 2.37
C SER A 227 -9.85 16.45 2.16
N GLN A 228 -8.84 16.64 1.29
CA GLN A 228 -7.85 15.61 1.00
C GLN A 228 -8.50 14.28 0.61
N LEU A 229 -9.65 14.35 -0.08
CA LEU A 229 -10.23 13.12 -0.62
C LEU A 229 -9.29 12.47 -1.61
N PHE A 230 -8.53 13.27 -2.34
CA PHE A 230 -7.56 12.73 -3.29
C PHE A 230 -6.59 11.79 -2.57
N ALA A 231 -5.89 12.31 -1.56
CA ALA A 231 -4.97 11.51 -0.78
C ALA A 231 -5.66 10.30 -0.15
N LYS A 232 -6.87 10.47 0.41
CA LYS A 232 -7.53 9.36 1.08
C LYS A 232 -7.83 8.25 0.08
N LEU A 233 -8.17 8.63 -1.15
CA LEU A 233 -8.45 7.64 -2.18
C LEU A 233 -7.17 6.89 -2.58
N LEU A 234 -6.05 7.62 -2.75
CA LEU A 234 -4.78 6.95 -3.05
C LEU A 234 -4.35 6.03 -1.92
N GLN A 235 -4.63 6.43 -0.66
CA GLN A 235 -4.38 5.55 0.46
C GLN A 235 -5.19 4.26 0.34
N LYS A 236 -6.38 4.30 -0.30
CA LYS A 236 -7.16 3.06 -0.51
C LYS A 236 -6.54 2.15 -1.58
N MET A 237 -5.83 2.72 -2.55
CA MET A 237 -5.10 1.87 -3.49
C MET A 237 -4.08 1.02 -2.79
N THR A 238 -3.65 1.44 -1.61
CA THR A 238 -2.74 0.66 -0.78
C THR A 238 -3.47 -0.49 -0.09
N ASP A 239 -4.63 -0.21 0.54
CA ASP A 239 -5.46 -1.30 1.06
C ASP A 239 -5.78 -2.34 -0.01
N LEU A 240 -5.92 -1.91 -1.27
CA LEU A 240 -6.29 -2.84 -2.32
C LEU A 240 -5.16 -3.82 -2.59
N ARG A 241 -3.92 -3.33 -2.59
CA ARG A 241 -2.76 -4.17 -2.82
C ARG A 241 -2.68 -5.32 -1.82
N GLN A 242 -2.93 -5.02 -0.55
CA GLN A 242 -2.82 -6.04 0.48
C GLN A 242 -3.98 -7.04 0.41
N ILE A 243 -5.20 -6.57 0.16
CA ILE A 243 -6.32 -7.51 0.17
C ILE A 243 -6.28 -8.43 -1.06
N VAL A 244 -5.79 -7.95 -2.21
CA VAL A 244 -5.61 -8.84 -3.36
C VAL A 244 -4.58 -9.91 -3.03
N THR A 245 -3.52 -9.56 -2.32
CA THR A 245 -2.51 -10.53 -1.95
C THR A 245 -3.08 -11.61 -1.04
N GLU A 246 -3.87 -11.21 -0.05
CA GLU A 246 -4.50 -12.21 0.81
C GLU A 246 -5.47 -13.08 0.02
N HIS A 247 -6.23 -12.47 -0.89
CA HIS A 247 -7.18 -13.21 -1.70
C HIS A 247 -6.49 -14.31 -2.52
N VAL A 248 -5.45 -13.92 -3.27
CA VAL A 248 -4.68 -14.88 -4.06
C VAL A 248 -4.16 -15.99 -3.16
N GLN A 249 -3.65 -15.61 -2.00
CA GLN A 249 -3.05 -16.55 -1.08
C GLN A 249 -4.08 -17.53 -0.54
N LEU A 250 -5.27 -17.03 -0.19
CA LEU A 250 -6.31 -17.93 0.30
C LEU A 250 -6.87 -18.80 -0.82
N LEU A 251 -7.07 -18.22 -2.01
CA LEU A 251 -7.60 -18.98 -3.12
C LEU A 251 -6.70 -20.17 -3.45
N GLN A 252 -5.38 -20.00 -3.34
CA GLN A 252 -4.46 -21.10 -3.60
C GLN A 252 -4.67 -22.24 -2.60
N VAL A 253 -4.83 -21.90 -1.32
CA VAL A 253 -5.09 -22.90 -0.28
C VAL A 253 -6.38 -23.66 -0.58
N ILE A 254 -7.42 -22.94 -1.02
CA ILE A 254 -8.71 -23.57 -1.34
C ILE A 254 -8.55 -24.55 -2.49
N LYS A 255 -7.69 -24.23 -3.45
CA LYS A 255 -7.44 -25.13 -4.58
C LYS A 255 -6.94 -26.50 -4.11
N LYS A 256 -5.98 -26.50 -3.18
CA LYS A 256 -5.37 -27.75 -2.69
C LYS A 256 -6.34 -28.62 -1.90
N THR A 257 -7.54 -28.14 -1.59
CA THR A 257 -8.55 -28.94 -0.92
C THR A 257 -9.69 -29.33 -1.85
N GLU A 258 -10.08 -28.41 -2.74
CA GLU A 258 -11.28 -28.56 -3.57
C GLU A 258 -10.88 -28.94 -5.00
N THR A 259 -11.20 -30.16 -5.40
CA THR A 259 -11.10 -30.55 -6.80
C THR A 259 -12.42 -30.43 -7.53
N ASP A 260 -13.47 -30.01 -6.84
CA ASP A 260 -14.76 -29.81 -7.49
C ASP A 260 -14.83 -28.46 -8.17
N MET A 261 -13.68 -27.88 -8.46
CA MET A 261 -13.67 -26.61 -9.16
C MET A 261 -12.31 -26.33 -9.77
N SER A 262 -12.35 -25.99 -11.05
CA SER A 262 -11.27 -25.40 -11.82
C SER A 262 -11.63 -23.92 -12.02
N LEU A 263 -10.63 -23.09 -12.31
CA LEU A 263 -10.99 -21.72 -12.65
C LEU A 263 -11.03 -21.56 -14.16
N HIS A 264 -11.80 -20.56 -14.58
CA HIS A 264 -11.89 -20.22 -16.00
C HIS A 264 -10.49 -19.92 -16.52
N PRO A 265 -10.13 -20.39 -17.72
CA PRO A 265 -8.73 -20.25 -18.17
C PRO A 265 -8.23 -18.82 -18.12
N LEU A 266 -9.10 -17.82 -18.34
CA LEU A 266 -8.67 -16.42 -18.23
C LEU A 266 -8.16 -16.11 -16.83
N LEU A 267 -8.98 -16.42 -15.80
CA LEU A 267 -8.52 -16.25 -14.42
C LEU A 267 -7.30 -17.13 -14.14
N GLN A 268 -7.33 -18.37 -14.65
CA GLN A 268 -6.23 -19.31 -14.47
C GLN A 268 -4.90 -18.70 -14.90
N GLU A 269 -4.85 -18.11 -16.09
CA GLU A 269 -3.62 -17.48 -16.57
C GLU A 269 -3.22 -16.29 -15.71
N ILE A 270 -4.18 -15.45 -15.33
CA ILE A 270 -3.87 -14.28 -14.50
C ILE A 270 -3.23 -14.71 -13.19
N TYR A 271 -3.71 -15.81 -12.61
CA TYR A 271 -3.14 -16.24 -11.34
C TYR A 271 -1.80 -16.92 -11.48
N LYS A 272 -1.45 -17.40 -12.70
CA LYS A 272 -0.13 -17.98 -12.91
C LYS A 272 0.91 -16.90 -12.63
N ASP A 273 1.67 -17.05 -11.55
CA ASP A 273 2.60 -16.04 -11.02
C ASP A 273 1.89 -14.90 -10.31
N LEU A 274 0.64 -15.14 -9.88
CA LEU A 274 -0.14 -14.29 -8.97
C LEU A 274 -0.92 -13.16 -9.66
N GLU B 5 -4.53 30.09 4.84
CA GLU B 5 -3.90 29.09 5.69
C GLU B 5 -2.63 28.52 5.06
N SER B 6 -2.23 29.10 3.93
CA SER B 6 -0.96 28.72 3.30
C SER B 6 0.21 28.96 4.25
N ALA B 7 0.22 30.10 4.95
CA ALA B 7 1.25 30.40 5.93
C ALA B 7 1.28 29.37 7.07
N ASP B 8 0.12 28.89 7.50
CA ASP B 8 0.07 27.91 8.58
C ASP B 8 0.68 26.58 8.15
N LEU B 9 0.45 26.19 6.89
CA LEU B 9 1.06 24.97 6.38
C LEU B 9 2.58 25.12 6.28
N ARG B 10 3.07 26.27 5.82
CA ARG B 10 4.51 26.50 5.82
C ARG B 10 5.07 26.47 7.23
N ALA B 11 4.38 27.09 8.20
CA ALA B 11 4.84 27.05 9.58
C ALA B 11 4.86 25.62 10.10
N LEU B 12 3.84 24.84 9.75
CA LEU B 12 3.83 23.44 10.14
C LEU B 12 5.00 22.69 9.51
N ALA B 13 5.29 22.96 8.23
CA ALA B 13 6.43 22.33 7.57
C ALA B 13 7.77 22.70 8.22
N LYS B 14 7.94 23.98 8.60
CA LYS B 14 9.19 24.40 9.25
C LYS B 14 9.30 23.81 10.66
N HIS B 15 8.21 23.80 11.40
CA HIS B 15 8.22 23.21 12.73
C HIS B 15 8.71 21.76 12.67
N LEU B 16 8.15 20.96 11.74
CA LEU B 16 8.53 19.55 11.65
C LEU B 16 9.97 19.42 11.19
N TYR B 17 10.40 20.23 10.21
CA TYR B 17 11.79 20.15 9.75
C TYR B 17 12.76 20.41 10.90
N ASP B 18 12.54 21.49 11.66
CA ASP B 18 13.41 21.81 12.80
C ASP B 18 13.50 20.65 13.78
N SER B 19 12.36 20.02 14.10
CA SER B 19 12.37 18.94 15.08
C SER B 19 12.99 17.68 14.49
N TYR B 20 12.77 17.43 13.20
CA TYR B 20 13.41 16.31 12.53
C TYR B 20 14.93 16.43 12.57
N ILE B 21 15.46 17.66 12.43
CA ILE B 21 16.90 17.89 12.50
C ILE B 21 17.44 17.59 13.91
N LYS B 22 16.67 17.90 14.95
CA LYS B 22 17.15 17.64 16.31
C LYS B 22 16.99 16.19 16.72
N SER B 23 16.02 15.46 16.13
CA SER B 23 15.71 14.12 16.60
C SER B 23 16.62 13.05 16.01
N PHE B 24 17.09 13.25 14.81
CA PHE B 24 17.75 12.14 14.17
C PHE B 24 19.25 12.44 14.00
N PRO B 25 20.12 11.45 14.20
CA PRO B 25 21.57 11.76 14.29
C PRO B 25 22.20 12.17 12.97
N LEU B 26 21.85 11.51 11.86
CA LEU B 26 22.47 11.75 10.56
C LEU B 26 21.37 12.13 9.59
N THR B 27 21.38 13.38 9.10
CA THR B 27 20.35 13.78 8.15
C THR B 27 20.62 13.20 6.76
N LYS B 28 19.58 13.21 5.90
CA LYS B 28 19.81 12.79 4.51
C LYS B 28 20.82 13.70 3.82
N ALA B 29 20.75 15.02 4.07
CA ALA B 29 21.68 15.95 3.44
C ALA B 29 23.12 15.59 3.79
N LYS B 30 23.40 15.33 5.07
CA LYS B 30 24.76 14.92 5.43
C LYS B 30 25.10 13.55 4.85
N ALA B 31 24.15 12.60 4.92
CA ALA B 31 24.41 11.26 4.39
C ALA B 31 24.76 11.28 2.89
N ARG B 32 24.07 12.11 2.10
CA ARG B 32 24.36 12.14 0.66
C ARG B 32 25.75 12.70 0.36
N ALA B 33 26.18 13.72 1.12
CA ALA B 33 27.53 14.24 0.93
C ALA B 33 28.57 13.16 1.15
N ILE B 34 28.37 12.30 2.15
CA ILE B 34 29.31 11.19 2.36
C ILE B 34 29.22 10.18 1.21
N LEU B 35 28.00 9.80 0.82
CA LEU B 35 27.87 8.71 -0.15
C LEU B 35 28.44 9.08 -1.52
N THR B 36 28.35 10.35 -1.89
CA THR B 36 28.84 10.84 -3.17
C THR B 36 30.31 11.25 -3.14
N GLY B 37 30.91 11.33 -1.97
CA GLY B 37 32.32 11.64 -1.85
C GLY B 37 32.56 13.13 -1.99
N LYS B 38 31.80 13.92 -1.23
CA LYS B 38 31.84 15.38 -1.32
C LYS B 38 32.23 16.00 0.03
N LYS B 42 37.26 13.12 6.15
CA LYS B 42 36.00 12.66 6.72
C LYS B 42 35.55 11.38 6.02
N SER B 43 36.52 10.61 5.56
CA SER B 43 36.26 9.46 4.71
C SER B 43 35.82 8.27 5.56
N PRO B 44 34.69 7.64 5.25
CA PRO B 44 34.20 6.56 6.12
C PRO B 44 35.07 5.32 6.01
N PHE B 45 35.09 4.54 7.09
CA PHE B 45 35.70 3.22 7.02
C PHE B 45 34.78 2.28 6.23
N VAL B 46 35.35 1.53 5.29
CA VAL B 46 34.56 0.69 4.39
C VAL B 46 34.64 -0.77 4.82
N ILE B 47 33.48 -1.40 4.97
CA ILE B 47 33.38 -2.82 5.29
C ILE B 47 32.89 -3.52 4.03
N TYR B 48 33.76 -4.34 3.42
CA TYR B 48 33.45 -4.97 2.14
C TYR B 48 33.68 -6.48 2.14
N ASP B 49 34.18 -7.04 3.25
CA ASP B 49 34.42 -8.48 3.39
C ASP B 49 34.72 -8.75 4.87
N MET B 50 35.09 -10.00 5.16
CA MET B 50 35.28 -10.41 6.56
C MET B 50 36.47 -9.70 7.20
N ASN B 51 37.56 -9.51 6.47
CA ASN B 51 38.76 -8.99 7.11
C ASN B 51 38.57 -7.53 7.49
N SER B 52 37.94 -6.76 6.61
CA SER B 52 37.74 -5.35 6.89
C SER B 52 36.67 -5.15 7.97
N LEU B 53 35.71 -6.07 8.10
CA LEU B 53 34.80 -6.02 9.24
C LEU B 53 35.57 -6.16 10.55
N MET B 54 36.46 -7.16 10.64
CA MET B 54 37.27 -7.32 11.84
C MET B 54 38.08 -6.07 12.15
N MET B 55 38.76 -5.53 11.14
CA MET B 55 39.54 -4.31 11.39
C MET B 55 38.64 -3.14 11.76
N GLY B 56 37.45 -3.05 11.17
CA GLY B 56 36.61 -1.89 11.45
C GLY B 56 35.98 -1.92 12.82
N GLU B 57 35.66 -3.11 13.33
CA GLU B 57 35.13 -3.18 14.68
C GLU B 57 36.24 -2.98 15.70
N ASP B 58 37.48 -3.34 15.33
CA ASP B 58 38.60 -3.23 16.27
C ASP B 58 39.24 -1.85 16.25
N LYS B 59 39.09 -1.09 15.16
CA LYS B 59 39.60 0.27 15.10
C LYS B 59 38.53 1.31 15.35
N ILE B 60 37.38 1.21 14.68
CA ILE B 60 36.32 2.20 14.84
C ILE B 60 35.35 1.85 15.98
N LYS B 61 35.20 0.56 16.30
CA LYS B 61 34.38 0.11 17.42
C LYS B 61 32.89 0.41 17.24
N PHE B 62 32.34 -0.03 16.10
CA PHE B 62 30.90 0.04 15.88
C PHE B 62 30.17 -0.70 17.00
N LYS B 63 29.34 0.02 17.75
CA LYS B 63 28.76 -0.56 18.96
C LYS B 63 27.65 -1.55 18.62
N HIS B 64 27.64 -2.68 19.37
CA HIS B 64 26.67 -3.78 19.41
C HIS B 64 27.35 -5.14 19.60
N ILE B 65 28.69 -5.21 19.66
CA ILE B 65 29.40 -6.48 19.72
C ILE B 65 29.44 -7.00 21.16
N THR B 66 28.78 -8.13 21.39
CA THR B 66 28.58 -8.64 22.75
C THR B 66 29.46 -9.84 23.07
N SER B 72 26.60 -15.11 20.02
CA SER B 72 26.98 -15.84 18.81
C SER B 72 28.17 -15.23 18.13
N LYS B 73 29.10 -16.08 17.71
CA LYS B 73 30.34 -15.63 17.11
C LYS B 73 30.27 -15.56 15.58
N GLU B 74 29.14 -15.95 14.98
CA GLU B 74 29.08 -16.01 13.53
C GLU B 74 28.75 -14.65 12.95
N VAL B 75 29.50 -14.27 11.90
CA VAL B 75 29.44 -12.90 11.39
C VAL B 75 28.06 -12.54 10.90
N ALA B 76 27.41 -13.45 10.16
CA ALA B 76 26.12 -13.14 9.56
C ALA B 76 25.08 -12.89 10.64
N ILE B 77 25.12 -13.66 11.73
CA ILE B 77 24.23 -13.42 12.86
C ILE B 77 24.52 -12.07 13.50
N ARG B 78 25.81 -11.77 13.71
CA ARG B 78 26.20 -10.54 14.40
C ARG B 78 25.77 -9.30 13.61
N ILE B 79 25.86 -9.35 12.28
CA ILE B 79 25.38 -8.22 11.49
C ILE B 79 23.86 -8.12 11.58
N PHE B 80 23.19 -9.26 11.52
CA PHE B 80 21.73 -9.27 11.63
C PHE B 80 21.31 -8.60 12.93
N GLN B 81 21.96 -8.98 14.04
CA GLN B 81 21.61 -8.40 15.33
C GLN B 81 22.00 -6.93 15.41
N GLY B 82 23.05 -6.52 14.69
CA GLY B 82 23.38 -5.10 14.58
C GLY B 82 22.25 -4.27 13.96
N CYS B 83 21.60 -4.81 12.93
CA CYS B 83 20.41 -4.16 12.38
C CYS B 83 19.32 -4.02 13.44
N GLN B 84 19.08 -5.09 14.21
CA GLN B 84 18.06 -5.07 15.27
C GLN B 84 18.40 -4.05 16.35
N PHE B 85 19.64 -4.05 16.83
CA PHE B 85 20.09 -3.09 17.84
C PHE B 85 19.89 -1.64 17.36
N ARG B 86 20.29 -1.34 16.11
CA ARG B 86 20.15 0.05 15.66
C ARG B 86 18.69 0.42 15.44
N SER B 87 17.85 -0.52 15.04
CA SER B 87 16.43 -0.25 14.91
C SER B 87 15.80 0.11 16.25
N VAL B 88 16.27 -0.50 17.34
CA VAL B 88 15.79 -0.15 18.69
C VAL B 88 16.10 1.31 18.99
N GLU B 89 17.31 1.78 18.66
CA GLU B 89 17.64 3.18 18.86
C GLU B 89 16.73 4.09 18.03
N ALA B 90 16.49 3.72 16.77
CA ALA B 90 15.66 4.54 15.92
C ALA B 90 14.23 4.64 16.48
N VAL B 91 13.69 3.56 17.03
CA VAL B 91 12.36 3.65 17.64
C VAL B 91 12.27 4.78 18.66
N GLN B 92 13.28 4.93 19.52
CA GLN B 92 13.28 6.03 20.47
C GLN B 92 13.44 7.38 19.77
N GLU B 93 14.26 7.44 18.71
CA GLU B 93 14.36 8.70 17.98
C GLU B 93 13.04 9.08 17.33
N ILE B 94 12.33 8.10 16.75
CA ILE B 94 11.03 8.36 16.14
C ILE B 94 9.99 8.78 17.19
N THR B 95 10.02 8.12 18.36
CA THR B 95 9.09 8.44 19.45
C THR B 95 9.25 9.88 19.91
N GLU B 96 10.51 10.34 20.08
CA GLU B 96 10.72 11.72 20.47
C GLU B 96 10.24 12.67 19.38
N TYR B 97 10.57 12.40 18.12
CA TYR B 97 10.10 13.23 17.02
C TYR B 97 8.58 13.33 17.02
N ALA B 98 7.89 12.20 17.19
CA ALA B 98 6.42 12.20 17.19
C ALA B 98 5.83 13.14 18.22
N LYS B 99 6.44 13.20 19.42
CA LYS B 99 5.95 14.10 20.47
C LYS B 99 5.90 15.53 19.96
N SER B 100 6.73 15.86 18.97
CA SER B 100 6.80 17.21 18.44
C SER B 100 5.76 17.50 17.35
N ILE B 101 5.00 16.50 16.91
CA ILE B 101 3.96 16.71 15.90
C ILE B 101 2.76 17.39 16.54
N PRO B 102 2.32 18.56 16.05
CA PRO B 102 1.22 19.27 16.72
C PRO B 102 -0.03 18.40 16.81
N GLY B 103 -0.56 18.30 18.03
CA GLY B 103 -1.72 17.50 18.33
C GLY B 103 -1.42 16.10 18.84
N PHE B 104 -0.20 15.58 18.60
CA PHE B 104 0.09 14.17 18.91
C PHE B 104 0.01 13.89 20.40
N VAL B 105 0.64 14.72 21.24
CA VAL B 105 0.64 14.44 22.67
C VAL B 105 -0.73 14.64 23.27
N ASN B 106 -1.64 15.31 22.57
CA ASN B 106 -3.00 15.47 23.03
C ASN B 106 -3.85 14.25 22.75
N LEU B 107 -3.40 13.34 21.90
CA LEU B 107 -4.17 12.14 21.65
C LEU B 107 -4.23 11.29 22.92
N ASP B 108 -5.30 10.50 23.02
CA ASP B 108 -5.39 9.41 23.99
C ASP B 108 -4.07 8.64 24.06
N LEU B 109 -3.63 8.34 25.28
CA LEU B 109 -2.27 7.78 25.45
C LEU B 109 -2.15 6.39 24.83
N ASN B 110 -3.20 5.58 24.89
CA ASN B 110 -3.16 4.27 24.25
C ASN B 110 -3.01 4.41 22.74
N ASP B 111 -3.68 5.42 22.15
CA ASP B 111 -3.61 5.65 20.72
C ASP B 111 -2.22 6.12 20.30
N GLN B 112 -1.56 6.94 21.15
CA GLN B 112 -0.17 7.31 20.87
C GLN B 112 0.71 6.07 20.81
N VAL B 113 0.55 5.15 21.78
CA VAL B 113 1.34 3.92 21.79
C VAL B 113 1.02 3.08 20.55
N THR B 114 -0.26 2.92 20.23
CA THR B 114 -0.67 2.15 19.04
C THR B 114 -0.07 2.73 17.76
N LEU B 115 -0.19 4.06 17.58
CA LEU B 115 0.34 4.68 16.38
C LEU B 115 1.83 4.43 16.25
N LEU B 116 2.59 4.58 17.35
CA LEU B 116 4.03 4.32 17.25
C LEU B 116 4.32 2.85 17.01
N LYS B 117 3.61 1.96 17.72
CA LYS B 117 3.84 0.53 17.57
C LYS B 117 3.72 0.06 16.11
N TYR B 118 2.67 0.48 15.40
CA TYR B 118 2.43 -0.01 14.06
C TYR B 118 3.06 0.85 12.97
N GLY B 119 3.74 1.94 13.34
CA GLY B 119 4.32 2.83 12.37
C GLY B 119 5.83 2.76 12.26
N VAL B 120 6.52 2.39 13.35
CA VAL B 120 7.98 2.47 13.38
C VAL B 120 8.61 1.66 12.27
N HIS B 121 8.02 0.52 11.92
CA HIS B 121 8.65 -0.30 10.88
C HIS B 121 8.66 0.44 9.54
N GLU B 122 7.52 1.03 9.16
CA GLU B 122 7.45 1.79 7.91
C GLU B 122 8.39 2.98 7.95
N ILE B 123 8.53 3.61 9.11
CA ILE B 123 9.40 4.79 9.18
C ILE B 123 10.86 4.38 9.12
N ILE B 124 11.22 3.26 9.76
CA ILE B 124 12.61 2.82 9.73
C ILE B 124 13.03 2.49 8.30
N TYR B 125 12.20 1.76 7.56
CA TYR B 125 12.50 1.48 6.16
C TYR B 125 12.69 2.79 5.38
N THR B 126 11.77 3.73 5.56
CA THR B 126 11.83 5.00 4.85
C THR B 126 13.14 5.71 5.13
N MET B 127 13.51 5.79 6.40
CA MET B 127 14.66 6.58 6.77
C MET B 127 15.95 5.84 6.51
N LEU B 128 15.90 4.50 6.47
CA LEU B 128 17.05 3.71 6.04
C LEU B 128 17.48 4.09 4.62
N ALA B 129 16.52 4.35 3.73
CA ALA B 129 16.88 4.71 2.36
C ALA B 129 17.74 5.97 2.30
N SER B 130 17.56 6.90 3.23
CA SER B 130 18.39 8.09 3.28
C SER B 130 19.86 7.76 3.45
N LEU B 131 20.18 6.59 4.01
CA LEU B 131 21.53 6.17 4.29
C LEU B 131 22.07 5.20 3.26
N MET B 132 21.29 4.88 2.24
CA MET B 132 21.64 3.87 1.27
C MET B 132 21.79 4.50 -0.09
N ASN B 133 22.69 3.92 -0.89
CA ASN B 133 22.62 4.04 -2.33
C ASN B 133 22.71 2.63 -2.89
N LYS B 134 22.87 2.47 -4.21
CA LYS B 134 22.89 1.13 -4.79
C LYS B 134 24.10 0.31 -4.38
N ASP B 135 25.13 0.92 -3.78
CA ASP B 135 26.37 0.21 -3.48
C ASP B 135 26.57 -0.13 -2.01
N GLY B 136 25.84 0.49 -1.07
CA GLY B 136 25.94 0.10 0.33
C GLY B 136 25.22 1.08 1.26
N VAL B 137 25.54 0.98 2.56
CA VAL B 137 24.80 1.72 3.58
C VAL B 137 25.75 2.35 4.61
N LEU B 138 25.47 3.61 4.97
CA LEU B 138 26.20 4.28 6.03
C LEU B 138 25.79 3.76 7.39
N ILE B 139 26.77 3.57 8.27
CA ILE B 139 26.54 3.09 9.63
C ILE B 139 27.31 3.98 10.61
N SER B 140 26.95 3.86 11.90
CA SER B 140 27.59 4.60 12.98
C SER B 140 27.64 6.09 12.66
N GLU B 141 26.48 6.65 12.35
CA GLU B 141 26.38 8.08 12.07
C GLU B 141 27.29 8.48 10.92
N GLY B 142 27.46 7.58 9.95
CA GLY B 142 28.25 7.90 8.78
C GLY B 142 29.74 7.67 8.92
N GLN B 143 30.22 7.11 10.04
CA GLN B 143 31.65 6.84 10.14
C GLN B 143 32.05 5.63 9.33
N GLY B 144 31.08 4.77 8.98
CA GLY B 144 31.36 3.58 8.23
C GLY B 144 30.41 3.43 7.06
N PHE B 145 30.84 2.61 6.10
CA PHE B 145 30.04 2.28 4.92
C PHE B 145 30.19 0.79 4.68
N MET B 146 29.08 0.06 4.79
CA MET B 146 29.11 -1.39 4.57
C MET B 146 28.51 -1.69 3.20
N THR B 147 29.24 -2.45 2.37
CA THR B 147 28.84 -2.61 0.98
C THR B 147 27.62 -3.50 0.84
N ARG B 148 26.84 -3.20 -0.19
CA ARG B 148 25.67 -4.02 -0.56
C ARG B 148 26.07 -5.45 -0.86
N GLU B 149 27.19 -5.64 -1.57
CA GLU B 149 27.64 -6.98 -1.97
C GLU B 149 28.01 -7.81 -0.76
N PHE B 150 28.64 -7.18 0.24
CA PHE B 150 28.96 -7.89 1.46
C PHE B 150 27.70 -8.31 2.21
N LEU B 151 26.75 -7.39 2.36
CA LEU B 151 25.51 -7.75 3.03
C LEU B 151 24.76 -8.85 2.26
N LYS B 152 24.63 -8.68 0.94
CA LYS B 152 23.87 -9.62 0.12
C LYS B 152 24.50 -11.01 0.09
N SER B 153 25.79 -11.11 0.31
CA SER B 153 26.48 -12.41 0.25
C SER B 153 26.54 -13.14 1.57
N LEU B 154 25.97 -12.60 2.64
CA LEU B 154 25.91 -13.34 3.88
C LEU B 154 25.09 -14.61 3.68
N ARG B 155 25.44 -15.66 4.42
CA ARG B 155 24.96 -17.00 4.12
C ARG B 155 23.48 -17.15 4.47
N LYS B 156 22.94 -18.30 4.04
CA LYS B 156 21.64 -18.89 4.40
C LYS B 156 20.57 -17.80 4.30
N PRO B 157 19.66 -17.55 5.25
CA PRO B 157 18.62 -16.57 4.93
C PRO B 157 19.09 -15.14 5.11
N PHE B 158 20.27 -14.90 5.70
CA PHE B 158 20.63 -13.54 6.09
C PHE B 158 20.92 -12.66 4.88
N GLY B 159 21.61 -13.20 3.88
CA GLY B 159 21.87 -12.45 2.67
C GLY B 159 20.59 -11.94 2.02
N ASP B 160 19.61 -12.82 1.88
CA ASP B 160 18.34 -12.44 1.28
C ASP B 160 17.43 -11.67 2.24
N PHE B 161 17.82 -11.52 3.48
CA PHE B 161 17.12 -10.60 4.37
C PHE B 161 17.60 -9.17 4.15
N MET B 162 18.86 -9.00 3.72
CA MET B 162 19.45 -7.67 3.57
C MET B 162 19.01 -7.02 2.26
N GLU B 163 19.12 -7.77 1.16
CA GLU B 163 18.95 -7.22 -0.18
C GLU B 163 17.60 -6.52 -0.41
N PRO B 164 16.44 -7.03 0.04
CA PRO B 164 15.18 -6.29 -0.20
C PRO B 164 15.19 -4.86 0.31
N LYS B 165 15.98 -4.56 1.34
CA LYS B 165 16.04 -3.18 1.84
C LYS B 165 16.70 -2.24 0.83
N PHE B 166 17.78 -2.69 0.18
CA PHE B 166 18.41 -1.89 -0.89
C PHE B 166 17.47 -1.77 -2.09
N GLU B 167 16.76 -2.85 -2.43
CA GLU B 167 15.88 -2.81 -3.58
C GLU B 167 14.79 -1.77 -3.39
N PHE B 168 14.23 -1.65 -2.17
CA PHE B 168 13.28 -0.59 -1.88
C PHE B 168 13.95 0.77 -1.91
N ALA B 169 15.10 0.90 -1.21
CA ALA B 169 15.76 2.19 -1.08
C ALA B 169 16.09 2.79 -2.43
N VAL B 170 16.58 1.96 -3.36
CA VAL B 170 16.96 2.48 -4.67
C VAL B 170 15.75 3.07 -5.39
N LYS B 171 14.61 2.39 -5.32
CA LYS B 171 13.38 2.93 -5.87
C LYS B 171 12.91 4.17 -5.10
N PHE B 172 12.95 4.14 -3.78
CA PHE B 172 12.46 5.30 -3.04
C PHE B 172 13.34 6.52 -3.29
N ASN B 173 14.65 6.31 -3.38
CA ASN B 173 15.58 7.41 -3.58
C ASN B 173 15.44 8.08 -4.94
N ALA B 174 14.88 7.40 -5.94
CA ALA B 174 14.62 8.04 -7.23
C ALA B 174 13.64 9.22 -7.12
N LEU B 175 12.83 9.30 -6.07
CA LEU B 175 11.99 10.48 -5.88
C LEU B 175 12.80 11.71 -5.47
N GLU B 176 14.02 11.52 -4.96
CA GLU B 176 14.91 12.62 -4.63
C GLU B 176 14.32 13.58 -3.60
N LEU B 177 13.62 13.04 -2.59
CA LEU B 177 13.16 13.87 -1.48
C LEU B 177 14.35 14.40 -0.69
N ASP B 178 14.16 15.55 -0.06
CA ASP B 178 15.12 16.04 0.92
C ASP B 178 14.52 15.97 2.33
N ASP B 179 15.32 16.40 3.32
CA ASP B 179 14.92 16.32 4.72
C ASP B 179 13.64 17.09 4.99
N SER B 180 13.48 18.27 4.39
CA SER B 180 12.25 19.03 4.63
C SER B 180 11.01 18.29 4.11
N ASP B 181 11.17 17.51 3.02
CA ASP B 181 10.06 16.68 2.53
C ASP B 181 9.79 15.51 3.48
N LEU B 182 10.86 14.80 3.88
CA LEU B 182 10.72 13.58 4.66
C LEU B 182 10.13 13.85 6.05
N ALA B 183 10.48 15.00 6.64
CA ALA B 183 9.93 15.37 7.94
C ALA B 183 8.39 15.34 7.92
N ILE B 184 7.77 15.87 6.87
CA ILE B 184 6.30 15.81 6.80
C ILE B 184 5.82 14.41 6.44
N PHE B 185 6.52 13.75 5.51
CA PHE B 185 6.14 12.38 5.12
C PHE B 185 6.11 11.45 6.33
N ILE B 186 7.15 11.47 7.14
CA ILE B 186 7.21 10.61 8.33
C ILE B 186 6.04 10.91 9.27
N ALA B 187 5.71 12.19 9.44
CA ALA B 187 4.59 12.57 10.30
C ALA B 187 3.26 12.03 9.77
N VAL B 188 3.08 12.03 8.44
CA VAL B 188 1.88 11.47 7.83
C VAL B 188 1.75 9.98 8.14
N ILE B 189 2.86 9.24 8.03
CA ILE B 189 2.85 7.81 8.35
C ILE B 189 2.40 7.57 9.79
N ILE B 190 2.93 8.35 10.72
CA ILE B 190 2.65 8.13 12.14
C ILE B 190 1.15 8.29 12.39
N LEU B 191 0.55 9.33 11.82
CA LEU B 191 -0.85 9.67 12.05
C LEU B 191 -1.77 8.90 11.11
N SER B 192 -1.64 7.57 11.10
CA SER B 192 -2.47 6.70 10.28
C SER B 192 -3.69 6.23 11.07
N GLY B 193 -4.88 6.63 10.62
CA GLY B 193 -6.09 6.27 11.32
C GLY B 193 -6.55 4.83 11.17
N ASP B 194 -5.88 4.03 10.34
CA ASP B 194 -6.31 2.66 10.15
C ASP B 194 -5.47 1.66 10.94
N ARG B 195 -4.65 2.12 11.90
CA ARG B 195 -3.94 1.15 12.73
C ARG B 195 -4.93 0.33 13.54
N PRO B 196 -4.62 -0.95 13.79
CA PRO B 196 -5.55 -1.80 14.57
C PRO B 196 -5.63 -1.36 16.03
N GLY B 197 -6.86 -1.29 16.54
CA GLY B 197 -7.11 -1.06 17.94
C GLY B 197 -7.12 0.39 18.37
N LEU B 198 -7.10 1.33 17.42
CA LEU B 198 -7.22 2.74 17.78
C LEU B 198 -8.57 2.98 18.42
N LEU B 199 -8.59 3.83 19.44
CA LEU B 199 -9.82 4.12 20.16
C LEU B 199 -10.57 5.32 19.62
N ASN B 200 -9.83 6.35 19.20
CA ASN B 200 -10.45 7.61 18.76
C ASN B 200 -9.80 8.05 17.46
N VAL B 201 -10.35 7.53 16.35
CA VAL B 201 -9.73 7.68 15.03
C VAL B 201 -9.87 9.10 14.50
N LYS B 202 -10.95 9.79 14.82
CA LYS B 202 -11.21 11.11 14.22
C LYS B 202 -10.08 12.11 14.42
N PRO B 203 -9.61 12.39 15.65
CA PRO B 203 -8.54 13.39 15.80
C PRO B 203 -7.24 12.99 15.13
N ILE B 204 -6.99 11.70 15.00
CA ILE B 204 -5.82 11.23 14.26
C ILE B 204 -5.95 11.59 12.78
N GLU B 205 -7.11 11.29 12.19
CA GLU B 205 -7.33 11.65 10.78
C GLU B 205 -7.38 13.16 10.58
N ASP B 206 -7.89 13.92 11.57
CA ASP B 206 -7.88 15.38 11.45
C ASP B 206 -6.44 15.90 11.36
N ILE B 207 -5.54 15.40 12.21
CA ILE B 207 -4.15 15.82 12.14
C ILE B 207 -3.51 15.36 10.84
N GLN B 208 -3.79 14.13 10.43
CA GLN B 208 -3.23 13.65 9.18
C GLN B 208 -3.67 14.51 8.00
N ASP B 209 -4.95 14.92 7.97
CA ASP B 209 -5.40 15.83 6.92
C ASP B 209 -4.57 17.12 6.88
N ASN B 210 -4.22 17.67 8.05
CA ASN B 210 -3.33 18.84 8.10
C ASN B 210 -1.95 18.54 7.53
N LEU B 211 -1.36 17.42 7.95
CA LEU B 211 -0.04 17.05 7.47
C LEU B 211 -0.05 16.82 5.97
N LEU B 212 -1.09 16.19 5.45
CA LEU B 212 -1.18 15.95 4.01
C LEU B 212 -1.22 17.28 3.24
N GLN B 213 -2.04 18.24 3.71
CA GLN B 213 -2.02 19.56 3.09
C GLN B 213 -0.63 20.15 3.12
N ALA B 214 0.07 20.02 4.25
CA ALA B 214 1.39 20.63 4.34
C ALA B 214 2.37 19.92 3.43
N LEU B 215 2.27 18.60 3.34
CA LEU B 215 3.17 17.86 2.44
C LEU B 215 2.90 18.22 0.99
N GLU B 216 1.63 18.32 0.61
CA GLU B 216 1.27 18.70 -0.76
C GLU B 216 1.86 20.06 -1.13
N LEU B 217 1.67 21.08 -0.29
CA LEU B 217 2.21 22.40 -0.60
C LEU B 217 3.74 22.37 -0.60
N GLN B 218 4.33 21.66 0.36
CA GLN B 218 5.80 21.54 0.42
C GLN B 218 6.36 20.98 -0.89
N LEU B 219 5.79 19.87 -1.38
CA LEU B 219 6.32 19.27 -2.61
C LEU B 219 6.09 20.16 -3.83
N LYS B 220 4.97 20.89 -3.88
CA LYS B 220 4.75 21.78 -5.01
C LYS B 220 5.77 22.92 -5.01
N LEU B 221 6.10 23.45 -3.83
CA LEU B 221 7.05 24.55 -3.77
C LEU B 221 8.50 24.08 -3.91
N ASN B 222 8.83 22.91 -3.34
CA ASN B 222 10.19 22.41 -3.34
C ASN B 222 10.54 21.65 -4.60
N HIS B 223 9.54 21.12 -5.31
CA HIS B 223 9.75 20.35 -6.54
C HIS B 223 8.72 20.78 -7.58
N PRO B 224 8.74 22.05 -8.00
CA PRO B 224 7.68 22.55 -8.88
C PRO B 224 7.67 21.90 -10.26
N GLU B 225 8.76 21.26 -10.67
CA GLU B 225 8.86 20.63 -11.98
C GLU B 225 8.59 19.13 -11.92
N SER B 226 8.27 18.59 -10.74
CA SER B 226 8.09 17.16 -10.53
C SER B 226 6.59 16.90 -10.44
N SER B 227 5.97 16.66 -11.58
CA SER B 227 4.51 16.56 -11.66
C SER B 227 3.99 15.36 -10.86
N GLN B 228 2.91 15.60 -10.10
CA GLN B 228 2.23 14.57 -9.29
C GLN B 228 3.20 13.85 -8.36
N LEU B 229 4.25 14.54 -7.91
CA LEU B 229 5.15 13.95 -6.92
C LEU B 229 4.41 13.61 -5.63
N PHE B 230 3.41 14.42 -5.25
CA PHE B 230 2.61 14.13 -4.08
C PHE B 230 1.96 12.74 -4.20
N ALA B 231 1.23 12.53 -5.29
CA ALA B 231 0.62 11.23 -5.55
C ALA B 231 1.67 10.10 -5.57
N LYS B 232 2.81 10.31 -6.23
CA LYS B 232 3.81 9.23 -6.31
C LYS B 232 4.35 8.87 -4.94
N LEU B 233 4.53 9.86 -4.07
CA LEU B 233 5.00 9.58 -2.73
C LEU B 233 3.95 8.80 -1.92
N LEU B 234 2.67 9.18 -2.02
CA LEU B 234 1.63 8.43 -1.32
C LEU B 234 1.52 7.00 -1.84
N GLN B 235 1.75 6.80 -3.13
CA GLN B 235 1.80 5.45 -3.70
C GLN B 235 2.93 4.63 -3.10
N LYS B 236 4.01 5.28 -2.63
CA LYS B 236 5.09 4.55 -1.97
C LYS B 236 4.63 3.95 -0.64
N MET B 237 3.56 4.44 -0.04
CA MET B 237 3.02 3.72 1.11
C MET B 237 2.54 2.32 0.74
N THR B 238 2.33 2.05 -0.55
CA THR B 238 2.05 0.67 -0.95
C THR B 238 3.31 -0.18 -0.87
N ASP B 239 4.43 0.32 -1.41
CA ASP B 239 5.70 -0.39 -1.21
C ASP B 239 6.01 -0.58 0.27
N LEU B 240 5.64 0.38 1.12
CA LEU B 240 6.03 0.31 2.53
C LEU B 240 5.25 -0.75 3.27
N ARG B 241 3.92 -0.76 3.11
CA ARG B 241 3.09 -1.79 3.73
C ARG B 241 3.48 -3.18 3.27
N GLN B 242 3.74 -3.34 1.96
CA GLN B 242 4.05 -4.66 1.43
C GLN B 242 5.39 -5.17 1.95
N ILE B 243 6.43 -4.33 1.96
CA ILE B 243 7.73 -4.82 2.40
C ILE B 243 7.76 -5.04 3.92
N VAL B 244 7.07 -4.22 4.71
CA VAL B 244 6.98 -4.49 6.15
C VAL B 244 6.28 -5.83 6.39
N THR B 245 5.26 -6.14 5.58
CA THR B 245 4.60 -7.44 5.64
C THR B 245 5.56 -8.58 5.26
N GLU B 246 6.36 -8.39 4.20
CA GLU B 246 7.36 -9.40 3.87
C GLU B 246 8.38 -9.55 4.99
N HIS B 247 8.76 -8.43 5.58
CA HIS B 247 9.76 -8.39 6.64
C HIS B 247 9.34 -9.31 7.79
N VAL B 248 8.10 -9.19 8.25
CA VAL B 248 7.58 -10.03 9.31
C VAL B 248 7.74 -11.51 8.96
N GLN B 249 7.36 -11.89 7.74
CA GLN B 249 7.44 -13.30 7.35
C GLN B 249 8.88 -13.80 7.36
N LEU B 250 9.82 -12.97 6.90
CA LEU B 250 11.22 -13.39 6.90
C LEU B 250 11.76 -13.57 8.31
N LEU B 251 11.43 -12.65 9.23
CA LEU B 251 11.88 -12.79 10.61
C LEU B 251 11.38 -14.10 11.22
N GLN B 252 10.14 -14.48 10.93
CA GLN B 252 9.58 -15.70 11.52
C GLN B 252 10.35 -16.94 11.08
N VAL B 253 10.70 -17.01 9.79
CA VAL B 253 11.49 -18.14 9.31
C VAL B 253 12.84 -18.21 10.01
N ILE B 254 13.50 -17.06 10.20
CA ILE B 254 14.79 -17.05 10.88
C ILE B 254 14.66 -17.49 12.33
N LYS B 255 13.58 -17.07 13.02
CA LYS B 255 13.39 -17.46 14.41
C LYS B 255 13.23 -18.98 14.56
N LYS B 256 12.34 -19.57 13.76
CA LYS B 256 12.07 -21.02 13.82
C LYS B 256 13.18 -21.88 13.21
N THR B 257 14.17 -21.30 12.53
CA THR B 257 15.22 -22.06 11.86
C THR B 257 16.55 -22.04 12.60
N GLU B 258 16.91 -20.91 13.18
CA GLU B 258 18.26 -20.68 13.67
C GLU B 258 18.31 -20.93 15.17
N THR B 259 19.10 -21.92 15.57
CA THR B 259 19.36 -22.22 16.98
C THR B 259 20.58 -21.49 17.54
N ASP B 260 21.29 -20.72 16.73
CA ASP B 260 22.44 -19.91 17.15
C ASP B 260 22.09 -18.44 17.46
N MET B 261 20.82 -18.10 17.69
CA MET B 261 20.45 -16.70 17.91
C MET B 261 20.18 -16.37 19.37
N SER B 262 20.94 -16.93 20.30
CA SER B 262 20.62 -16.68 21.71
C SER B 262 21.44 -15.53 22.27
N LEU B 263 20.73 -14.56 22.81
CA LEU B 263 21.24 -13.44 23.59
C LEU B 263 20.80 -13.59 25.05
N HIS B 264 21.42 -12.80 25.93
CA HIS B 264 20.96 -12.73 27.31
C HIS B 264 19.47 -12.40 27.33
N PRO B 265 18.67 -13.06 28.18
CA PRO B 265 17.21 -12.84 28.15
C PRO B 265 16.79 -11.38 28.30
N LEU B 266 17.58 -10.59 29.03
CA LEU B 266 17.33 -9.16 29.13
C LEU B 266 17.46 -8.48 27.76
N LEU B 267 18.50 -8.83 27.01
CA LEU B 267 18.63 -8.29 25.65
C LEU B 267 17.46 -8.73 24.77
N GLN B 268 17.08 -10.00 24.85
CA GLN B 268 15.92 -10.47 24.10
C GLN B 268 14.68 -9.64 24.42
N GLU B 269 14.51 -9.29 25.71
CA GLU B 269 13.38 -8.45 26.09
C GLU B 269 13.48 -7.07 25.44
N ILE B 270 14.67 -6.47 25.44
CA ILE B 270 14.82 -5.13 24.85
C ILE B 270 14.39 -5.14 23.38
N TYR B 271 14.76 -6.21 22.65
CA TYR B 271 14.50 -6.45 21.23
C TYR B 271 13.12 -7.02 20.92
N LYS B 272 12.27 -7.31 21.92
CA LYS B 272 11.09 -8.13 21.67
C LYS B 272 10.24 -7.65 20.49
N ASP B 273 10.17 -6.35 20.23
CA ASP B 273 9.24 -5.88 19.21
C ASP B 273 9.88 -5.72 17.83
N LEU B 274 11.10 -6.25 17.61
CA LEU B 274 11.71 -6.27 16.29
C LEU B 274 12.28 -7.65 15.93
N TYR B 275 11.99 -8.66 16.74
CA TYR B 275 12.37 -10.04 16.43
C TYR B 275 11.09 -10.86 16.50
O5 A1IPZ C . -23.18 -15.21 -5.28
O4 A1IPZ C . -19.91 -11.93 -7.04
C6 A1IPZ C . -17.00 -11.74 -6.55
C7 A1IPZ C . -14.06 -13.42 -5.71
O3 A1IPZ C . -13.77 -14.21 -4.84
O2 A1IPZ C . -20.95 -8.51 -10.50
O1 A1IPZ C . -19.04 -7.38 -10.80
C5 A1IPZ C . -17.73 -10.95 -7.54
C4 A1IPZ C . -17.02 -9.97 -8.26
C3 A1IPZ C . -17.65 -9.14 -9.15
C2 A1IPZ C . -19.02 -9.24 -9.34
C1 A1IPZ C . -19.72 -8.32 -10.30
C10 A1IPZ C . -11.89 -11.17 -7.81
C11 A1IPZ C . -11.36 -12.06 -8.71
C12 A1IPZ C . -11.69 -13.41 -8.66
C13 A1IPZ C . -12.58 -13.87 -7.69
C14 A1IPZ C . -12.89 -15.33 -7.66
C15 A1IPZ C . -16.22 -12.68 -4.63
C16 A1IPZ C . -16.20 -13.09 -3.30
C17 A1IPZ C . -17.26 -12.73 -2.51
C18 A1IPZ C . -18.33 -12.02 -3.05
C19 A1IPZ C . -18.39 -11.64 -4.37
C20 A1IPZ C . -17.30 -11.97 -5.17
C21 A1IPZ C . -19.13 -11.03 -7.73
C22 A1IPZ C . -21.00 -12.46 -7.80
C23 A1IPZ C . -21.99 -13.19 -6.91
C24 A1IPZ C . -22.44 -14.51 -7.51
C25 A1IPZ C . -23.55 -15.07 -6.64
C26 A1IPZ C . -22.61 -14.05 -4.66
C27 A1IPZ C . -21.52 -13.40 -5.48
C28 A1IPZ C . -19.76 -10.18 -8.62
C8 A1IPZ C . -13.12 -12.97 -6.77
C9 A1IPZ C . -12.76 -11.63 -6.84
F1 A1IPZ C . -12.23 -15.95 -6.69
F2 A1IPZ C . -14.18 -15.57 -7.47
F3 A1IPZ C . -12.52 -15.97 -8.76
N1 A1IPZ C . -15.80 -12.21 -6.83
N2 A1IPZ C . -15.33 -12.84 -5.69
CL1 A1IPZ C . -13.41 -10.47 -5.74
CL2 A1IPZ C . -19.68 -11.59 -2.02
O5 A1IPZ D . 25.54 -3.08 9.92
O4 A1IPZ D . 21.04 -0.80 10.00
C6 A1IPZ D . 18.37 -1.58 9.42
C7 A1IPZ D . 16.01 -4.15 9.50
O3 A1IPZ D . 16.05 -5.31 9.16
O2 A1IPZ D . 20.83 4.13 11.11
O1 A1IPZ D . 18.69 4.66 10.78
C5 A1IPZ D . 18.75 -0.24 9.88
C4 A1IPZ D . 17.73 0.71 9.97
C3 A1IPZ D . 18.02 2.02 10.31
C2 A1IPZ D . 19.33 2.40 10.55
C1 A1IPZ D . 19.63 3.83 10.87
C10 A1IPZ D . 12.94 -2.00 9.96
C11 A1IPZ D . 12.51 -2.40 11.22
C12 A1IPZ D . 13.21 -3.37 11.92
C13 A1IPZ D . 14.34 -3.97 11.39
C14 A1IPZ D . 15.09 -4.99 12.19
C15 A1IPZ D . 18.10 -3.50 8.24
C16 A1IPZ D . 18.34 -4.51 7.29
C17 A1IPZ D . 19.40 -4.33 6.43
C18 A1IPZ D . 20.22 -3.21 6.54
C19 A1IPZ D . 20.01 -2.23 7.49
C20 A1IPZ D . 18.91 -2.37 8.34
C21 A1IPZ D . 20.07 0.17 10.07
C22 A1IPZ D . 22.20 -0.56 10.82
C23 A1IPZ D . 23.18 -1.71 10.68
C24 A1IPZ D . 23.43 -2.08 9.22
C25 A1IPZ D . 24.31 -3.31 9.22
C26 A1IPZ D . 25.43 -2.56 11.25
C27 A1IPZ D . 24.49 -1.37 11.35
C28 A1IPZ D . 20.36 1.47 10.42
C8 A1IPZ D . 14.80 -3.54 10.13
C9 A1IPZ D . 14.09 -2.57 9.44
F1 A1IPZ D . 16.40 -4.84 12.08
F2 A1IPZ D . 14.88 -6.23 11.78
F3 A1IPZ D . 14.80 -4.92 13.48
N1 A1IPZ D . 17.27 -2.14 9.87
N2 A1IPZ D . 17.11 -3.34 9.21
CL1 A1IPZ D . 14.62 -2.02 7.87
CL2 A1IPZ D . 21.57 -3.03 5.44
#